data_7ENS
#
_entry.id   7ENS
#
_cell.length_a   61.752
_cell.length_b   61.752
_cell.length_c   334.653
_cell.angle_alpha   90.000
_cell.angle_beta   90.000
_cell.angle_gamma   120.000
#
_symmetry.space_group_name_H-M   'P 65 2 2'
#
loop_
_entity.id
_entity.type
_entity.pdbx_description
1 polymer 'Tryptophan--tRNA ligase'
2 non-polymer "ADENOSINE-5'-TRIPHOSPHATE"
3 non-polymer 'MAGNESIUM ION'
4 non-polymer (5S)-5-[(1R)-1-(1H-indol-3-yl)ethyl]-2-(methylamino)-1,3-oxazol-4(5H)-one
5 water water
#
_entity_poly.entity_id   1
_entity_poly.type   'polypeptide(L)'
_entity_poly.pdbx_seq_one_letter_code
;MSTPTGSRRIFSGVQPTSDSLHLGNALGAVAQWVGLQDDHDAFFCVVDLHAITIPQDPEALRRRTLITAAQYLALGIDPG
RATIFVQSQVPAHTQLAWVLGCFTGFGQASRMTQFKDKSARQGSEATTVGLFTYPVLQAADVLAYDTELVPVGEDQRQHL
ELARDVAQRFNSRFPGTLVVPDVLIPKMTAKIYDLQDPTSKMSKSAGTDAGLINLLDDPALSAKKIRSAVTDSERDIRYD
PDVKPGVSNLLNIQSAVTGTDIDVLVDGYAGHGYGDLKKDTAEAVVEFVNPIQARVDELTADPAELEAVLAAGAQRAHDV
ASKTVQRVYDRLGFLLLEHHHHHH
;
_entity_poly.pdbx_strand_id   A
#
# COMPACT_ATOMS: atom_id res chain seq x y z
N SER A 7 -22.92 0.60 -2.70
CA SER A 7 -21.87 1.52 -2.27
C SER A 7 -20.60 0.75 -1.93
N ARG A 8 -20.56 0.13 -0.75
CA ARG A 8 -19.40 -0.67 -0.33
C ARG A 8 -18.10 0.14 -0.49
N ARG A 9 -18.11 1.33 0.11
CA ARG A 9 -17.06 2.31 -0.09
C ARG A 9 -15.70 1.81 0.43
N ILE A 10 -14.67 1.96 -0.42
CA ILE A 10 -13.31 1.46 -0.22
C ILE A 10 -12.34 2.63 -0.26
N PHE A 11 -11.27 2.58 0.54
CA PHE A 11 -10.18 3.58 0.45
C PHE A 11 -8.85 2.90 0.70
N SER A 12 -7.85 3.26 -0.09
CA SER A 12 -6.51 2.77 0.21
C SER A 12 -5.48 3.67 -0.47
N GLY A 13 -4.24 3.59 0.00
CA GLY A 13 -3.23 4.56 -0.36
C GLY A 13 -1.83 3.96 -0.37
N VAL A 14 -0.97 4.55 -1.19
CA VAL A 14 0.44 4.18 -1.27
C VAL A 14 1.26 5.46 -1.31
N GLN A 15 2.39 5.49 -0.57
CA GLN A 15 3.25 6.67 -0.55
C GLN A 15 4.07 6.78 -1.85
N PRO A 16 4.27 8.01 -2.38
CA PRO A 16 5.17 8.19 -3.54
C PRO A 16 6.63 8.36 -3.12
N THR A 17 7.13 7.38 -2.38
CA THR A 17 8.47 7.44 -1.81
C THR A 17 9.54 6.80 -2.69
N SER A 18 9.20 6.23 -3.85
CA SER A 18 10.23 5.70 -4.74
C SER A 18 9.76 5.77 -6.19
N ASP A 19 10.71 5.55 -7.10
CA ASP A 19 10.43 5.55 -8.53
C ASP A 19 9.73 4.27 -9.00
N SER A 20 9.43 3.34 -8.12
CA SER A 20 8.71 2.14 -8.54
C SER A 20 8.10 1.45 -7.32
N LEU A 21 6.88 0.96 -7.50
CA LEU A 21 6.35 -0.03 -6.57
C LEU A 21 7.13 -1.34 -6.72
N HIS A 22 7.04 -2.16 -5.68
CA HIS A 22 7.63 -3.49 -5.72
C HIS A 22 6.52 -4.55 -5.59
N LEU A 23 6.91 -5.82 -5.56
CA LEU A 23 5.91 -6.90 -5.62
C LEU A 23 5.02 -6.88 -4.39
N GLY A 24 5.57 -6.52 -3.24
CA GLY A 24 4.75 -6.38 -2.04
C GLY A 24 3.61 -5.40 -2.23
N ASN A 25 3.90 -4.21 -2.78
CA ASN A 25 2.84 -3.23 -3.05
C ASN A 25 1.87 -3.77 -4.08
N ALA A 26 2.38 -4.30 -5.19
CA ALA A 26 1.51 -4.71 -6.28
C ALA A 26 0.67 -5.92 -5.91
N LEU A 27 1.28 -6.92 -5.28
CA LEU A 27 0.52 -8.13 -4.95
C LEU A 27 -0.17 -8.01 -3.59
N GLY A 28 0.52 -7.44 -2.60
CA GLY A 28 -0.06 -7.27 -1.29
C GLY A 28 -1.11 -6.19 -1.20
N ALA A 29 -1.20 -5.30 -2.18
CA ALA A 29 -2.20 -4.24 -2.08
C ALA A 29 -2.97 -4.02 -3.38
N VAL A 30 -2.27 -3.65 -4.45
CA VAL A 30 -2.96 -3.18 -5.66
C VAL A 30 -3.73 -4.31 -6.33
N ALA A 31 -3.20 -5.55 -6.30
CA ALA A 31 -3.96 -6.67 -6.86
C ALA A 31 -5.31 -6.81 -6.17
N GLN A 32 -5.34 -6.63 -4.85
CA GLN A 32 -6.60 -6.70 -4.14
C GLN A 32 -7.55 -5.59 -4.55
N TRP A 33 -7.01 -4.42 -4.88
CA TRP A 33 -7.84 -3.29 -5.31
C TRP A 33 -8.49 -3.57 -6.64
N VAL A 34 -7.70 -4.05 -7.60
CA VAL A 34 -8.23 -4.36 -8.93
C VAL A 34 -9.40 -5.33 -8.83
N GLY A 35 -9.32 -6.31 -7.93
CA GLY A 35 -10.43 -7.23 -7.74
C GLY A 35 -11.64 -6.59 -7.10
N LEU A 36 -11.45 -5.52 -6.33
CA LEU A 36 -12.54 -4.91 -5.59
C LEU A 36 -13.25 -3.83 -6.36
N GLN A 37 -12.54 -3.14 -7.26
CA GLN A 37 -13.03 -1.88 -7.81
C GLN A 37 -14.33 -2.05 -8.61
N ASP A 38 -14.55 -3.22 -9.18
CA ASP A 38 -15.69 -3.40 -10.06
C ASP A 38 -17.03 -3.50 -9.30
N ASP A 39 -17.04 -3.99 -8.05
CA ASP A 39 -18.27 -4.00 -7.27
C ASP A 39 -18.17 -3.22 -5.96
N HIS A 40 -17.16 -2.34 -5.83
CA HIS A 40 -17.03 -1.47 -4.67
C HIS A 40 -16.80 -0.04 -5.15
N ASP A 41 -17.22 0.92 -4.35
CA ASP A 41 -16.98 2.34 -4.63
C ASP A 41 -15.62 2.72 -4.02
N ALA A 42 -14.63 2.92 -4.88
CA ALA A 42 -13.23 2.86 -4.48
C ALA A 42 -12.53 4.20 -4.65
N PHE A 43 -11.82 4.63 -3.60
CA PHE A 43 -10.96 5.82 -3.61
C PHE A 43 -9.53 5.34 -3.41
N PHE A 44 -8.68 5.54 -4.42
CA PHE A 44 -7.30 5.10 -4.37
C PHE A 44 -6.41 6.34 -4.41
N CYS A 45 -5.59 6.49 -3.38
CA CYS A 45 -4.92 7.75 -3.12
C CYS A 45 -3.41 7.56 -3.20
N VAL A 46 -2.74 8.51 -3.83
CA VAL A 46 -1.29 8.65 -3.70
C VAL A 46 -1.08 9.62 -2.53
N VAL A 47 -0.59 9.09 -1.41
CA VAL A 47 -0.60 9.87 -0.15
C VAL A 47 0.72 10.60 -0.08
N ASP A 48 0.79 11.74 -0.78
CA ASP A 48 2.06 12.47 -0.81
C ASP A 48 2.36 13.23 0.48
N LEU A 49 1.35 13.55 1.29
CA LEU A 49 1.62 14.21 2.57
C LEU A 49 2.37 13.29 3.53
N HIS A 50 2.17 11.98 3.40
CA HIS A 50 2.87 11.02 4.24
C HIS A 50 4.32 10.93 3.83
N ALA A 51 4.60 11.13 2.55
CA ALA A 51 5.97 11.02 2.06
C ALA A 51 6.90 11.98 2.79
N ILE A 52 6.43 13.18 3.12
CA ILE A 52 7.33 14.21 3.64
C ILE A 52 7.62 14.03 5.12
N THR A 53 7.15 12.93 5.73
CA THR A 53 7.65 12.60 7.08
C THR A 53 9.15 12.31 7.07
N ILE A 54 9.71 12.10 5.89
CA ILE A 54 11.13 11.87 5.65
C ILE A 54 11.53 12.94 4.65
N PRO A 55 12.75 13.50 4.72
CA PRO A 55 13.12 14.53 3.75
C PRO A 55 13.04 14.01 2.32
N GLN A 56 12.46 14.84 1.43
CA GLN A 56 12.14 14.43 0.07
C GLN A 56 12.65 15.45 -0.94
N ASP A 57 13.27 14.96 -2.00
CA ASP A 57 13.71 15.85 -3.07
C ASP A 57 12.50 16.38 -3.83
N PRO A 58 12.33 17.68 -3.98
CA PRO A 58 11.10 18.19 -4.62
C PRO A 58 10.87 17.68 -6.04
N GLU A 59 11.91 17.67 -6.88
CA GLU A 59 11.74 17.17 -8.24
C GLU A 59 11.36 15.70 -8.26
N ALA A 60 11.98 14.90 -7.40
CA ALA A 60 11.67 13.48 -7.34
C ALA A 60 10.26 13.26 -6.80
N LEU A 61 9.88 14.00 -5.75
CA LEU A 61 8.57 13.80 -5.13
C LEU A 61 7.44 14.06 -6.13
N ARG A 62 7.56 15.11 -6.95
CA ARG A 62 6.51 15.34 -7.96
C ARG A 62 6.51 14.24 -9.01
N ARG A 63 7.69 13.76 -9.41
CA ARG A 63 7.77 12.76 -10.46
C ARG A 63 7.29 11.40 -9.96
N ARG A 64 7.63 11.05 -8.71
CA ARG A 64 7.20 9.80 -8.11
C ARG A 64 5.69 9.81 -7.80
N THR A 65 5.12 10.99 -7.56
CA THR A 65 3.68 11.06 -7.38
C THR A 65 2.95 10.65 -8.64
N LEU A 66 3.39 11.17 -9.79
CA LEU A 66 2.78 10.82 -11.06
C LEU A 66 3.03 9.37 -11.42
N ILE A 67 4.23 8.86 -11.12
CA ILE A 67 4.51 7.49 -11.54
C ILE A 67 3.86 6.48 -10.60
N THR A 68 3.41 6.91 -9.41
CA THR A 68 2.66 6.01 -8.55
C THR A 68 1.22 5.87 -9.06
N ALA A 69 0.59 6.99 -9.42
CA ALA A 69 -0.71 6.95 -10.07
C ALA A 69 -0.66 6.22 -11.40
N ALA A 70 0.48 6.29 -12.12
CA ALA A 70 0.59 5.60 -13.40
C ALA A 70 0.67 4.09 -13.19
N GLN A 71 1.37 3.67 -12.15
CA GLN A 71 1.45 2.25 -11.85
C GLN A 71 0.08 1.72 -11.41
N TYR A 72 -0.73 2.55 -10.72
CA TYR A 72 -2.11 2.15 -10.44
C TYR A 72 -2.83 1.74 -11.73
N LEU A 73 -2.86 2.63 -12.72
CA LEU A 73 -3.51 2.31 -13.99
C LEU A 73 -2.84 1.13 -14.68
N ALA A 74 -1.50 1.10 -14.67
CA ALA A 74 -0.79 -0.01 -15.31
C ALA A 74 -1.11 -1.36 -14.66
N LEU A 75 -1.52 -1.37 -13.40
CA LEU A 75 -1.85 -2.62 -12.72
C LEU A 75 -3.32 -2.99 -12.87
N GLY A 76 -4.10 -2.15 -13.56
CA GLY A 76 -5.49 -2.46 -13.83
C GLY A 76 -6.50 -1.56 -13.16
N ILE A 77 -6.08 -0.61 -12.32
CA ILE A 77 -7.05 0.33 -11.79
C ILE A 77 -7.67 1.08 -12.95
N ASP A 78 -8.98 1.21 -12.94
CA ASP A 78 -9.73 1.69 -14.09
C ASP A 78 -10.37 3.01 -13.74
N PRO A 79 -9.94 4.13 -14.35
CA PRO A 79 -10.49 5.44 -13.96
C PRO A 79 -11.97 5.61 -14.27
N GLY A 80 -12.58 4.67 -15.01
CA GLY A 80 -14.02 4.70 -15.15
C GLY A 80 -14.77 4.06 -13.99
N ARG A 81 -14.11 3.17 -13.25
CA ARG A 81 -14.71 2.45 -12.14
C ARG A 81 -14.22 2.92 -10.77
N ALA A 82 -13.20 3.78 -10.71
CA ALA A 82 -12.60 4.12 -9.43
C ALA A 82 -12.02 5.52 -9.48
N THR A 83 -11.86 6.11 -8.30
CA THR A 83 -11.32 7.46 -8.15
C THR A 83 -9.87 7.36 -7.71
N ILE A 84 -8.97 7.97 -8.49
CA ILE A 84 -7.56 8.08 -8.14
C ILE A 84 -7.26 9.57 -7.95
N PHE A 85 -6.61 9.92 -6.84
CA PHE A 85 -6.32 11.33 -6.60
C PHE A 85 -5.08 11.45 -5.73
N VAL A 86 -4.58 12.69 -5.61
CA VAL A 86 -3.39 12.98 -4.82
C VAL A 86 -3.83 13.61 -3.49
N GLN A 87 -3.32 13.06 -2.39
CA GLN A 87 -3.80 13.42 -1.06
C GLN A 87 -3.70 14.92 -0.80
N SER A 88 -2.56 15.52 -1.15
CA SER A 88 -2.33 16.91 -0.77
C SER A 88 -3.32 17.86 -1.45
N GLN A 89 -3.99 17.40 -2.51
CA GLN A 89 -4.94 18.25 -3.22
C GLN A 89 -6.32 18.31 -2.56
N VAL A 90 -6.55 17.62 -1.44
CA VAL A 90 -7.84 17.64 -0.77
C VAL A 90 -7.64 18.09 0.66
N PRO A 91 -7.99 19.35 0.97
CA PRO A 91 -7.62 19.90 2.30
C PRO A 91 -8.30 19.21 3.48
N ALA A 92 -9.44 18.52 3.25
CA ALA A 92 -10.17 17.86 4.33
C ALA A 92 -9.31 16.87 5.10
N HIS A 93 -8.36 16.20 4.43
CA HIS A 93 -7.51 15.24 5.13
C HIS A 93 -6.87 15.84 6.38
N THR A 94 -6.21 16.98 6.22
CA THR A 94 -5.56 17.62 7.37
C THR A 94 -6.55 18.24 8.33
N GLN A 95 -7.70 18.70 7.84
CA GLN A 95 -8.73 19.24 8.74
C GLN A 95 -9.22 18.16 9.68
N LEU A 96 -9.55 16.99 9.12
CA LEU A 96 -10.00 15.87 9.95
C LEU A 96 -8.88 15.37 10.86
N ALA A 97 -7.63 15.37 10.38
CA ALA A 97 -6.55 14.82 11.19
C ALA A 97 -6.33 15.64 12.45
N TRP A 98 -6.45 16.98 12.36
CA TRP A 98 -6.35 17.79 13.56
C TRP A 98 -7.44 17.41 14.55
N VAL A 99 -8.70 17.36 14.10
CA VAL A 99 -9.80 16.95 14.99
C VAL A 99 -9.51 15.60 15.61
N LEU A 100 -9.13 14.61 14.79
CA LEU A 100 -8.91 13.26 15.32
C LEU A 100 -7.75 13.22 16.30
N GLY A 101 -6.72 14.04 16.10
CA GLY A 101 -5.62 14.05 17.06
C GLY A 101 -6.07 14.48 18.44
N CYS A 102 -7.12 15.28 18.51
CA CYS A 102 -7.67 15.74 19.78
C CYS A 102 -8.40 14.63 20.52
N PHE A 103 -8.69 13.52 19.84
CA PHE A 103 -9.36 12.37 20.43
C PHE A 103 -8.43 11.16 20.52
N THR A 104 -7.14 11.35 20.22
CA THR A 104 -6.17 10.27 20.20
C THR A 104 -5.27 10.37 21.43
N GLY A 105 -5.13 9.27 22.15
CA GLY A 105 -4.24 9.25 23.30
C GLY A 105 -2.79 9.41 22.89
N PHE A 106 -2.05 10.22 23.66
CA PHE A 106 -0.61 10.33 23.48
C PHE A 106 0.06 8.96 23.60
N GLY A 107 -0.22 8.24 24.69
CA GLY A 107 0.37 6.92 24.86
C GLY A 107 -0.04 5.95 23.79
N GLN A 108 -1.29 6.07 23.32
CA GLN A 108 -1.79 5.25 22.22
C GLN A 108 -0.97 5.45 20.95
N ALA A 109 -0.57 6.70 20.66
CA ALA A 109 0.24 7.00 19.49
C ALA A 109 1.71 6.62 19.68
N SER A 110 2.20 6.64 20.92
CA SER A 110 3.58 6.27 21.16
C SER A 110 3.81 4.76 21.21
N ARG A 111 2.74 3.95 21.35
CA ARG A 111 2.87 2.49 21.28
C ARG A 111 2.89 1.97 19.85
N MET A 112 2.81 2.82 18.87
CA MET A 112 2.83 2.39 17.49
C MET A 112 4.22 1.92 17.17
N THR A 113 4.33 0.78 16.53
CA THR A 113 5.60 0.17 16.24
C THR A 113 6.60 0.92 15.41
N GLN A 114 6.15 1.57 14.33
CA GLN A 114 7.05 2.35 13.50
C GLN A 114 7.82 3.32 14.38
N PHE A 115 7.06 4.11 15.16
CA PHE A 115 7.61 5.08 16.08
C PHE A 115 8.63 4.51 17.06
N LYS A 116 8.39 3.33 17.61
CA LYS A 116 9.36 2.83 18.55
C LYS A 116 10.65 2.36 17.87
N ASP A 117 10.59 2.06 16.57
CA ASP A 117 11.78 1.74 15.80
C ASP A 117 12.71 2.93 15.68
N LYS A 118 12.22 4.03 15.10
CA LYS A 118 13.04 5.22 14.91
C LYS A 118 13.34 5.91 16.24
N SER A 119 12.41 5.86 17.19
CA SER A 119 12.65 6.42 18.52
C SER A 119 13.41 5.44 19.44
N ALA A 120 14.14 4.49 18.87
CA ALA A 120 14.94 3.53 19.62
C ALA A 120 16.41 3.96 19.72
N ARG A 121 17.04 4.22 18.56
CA ARG A 121 18.44 4.63 18.57
C ARG A 121 18.58 6.11 18.91
N GLN A 122 17.63 6.94 18.44
CA GLN A 122 17.59 8.37 18.75
C GLN A 122 16.16 8.70 19.21
N GLY A 123 15.90 8.44 20.50
CA GLY A 123 14.53 8.42 21.01
C GLY A 123 13.79 9.74 20.83
N SER A 124 14.47 10.85 21.09
CA SER A 124 13.94 12.18 20.82
C SER A 124 14.82 12.97 19.86
N GLU A 125 15.99 12.42 19.51
CA GLU A 125 16.98 13.16 18.74
C GLU A 125 16.62 13.26 17.26
N ALA A 126 15.93 12.24 16.73
CA ALA A 126 15.67 12.16 15.30
C ALA A 126 14.20 12.00 14.95
N THR A 127 13.33 11.83 15.93
CA THR A 127 11.90 11.76 15.65
C THR A 127 11.34 13.17 15.47
N THR A 128 10.44 13.32 14.50
CA THR A 128 9.70 14.56 14.30
C THR A 128 8.26 14.38 14.79
N VAL A 129 7.52 15.49 14.81
CA VAL A 129 6.11 15.40 15.14
C VAL A 129 5.35 14.65 14.05
N GLY A 130 5.68 14.92 12.79
CA GLY A 130 5.00 14.23 11.69
C GLY A 130 5.22 12.73 11.73
N LEU A 131 6.42 12.32 12.14
CA LEU A 131 6.73 10.90 12.21
C LEU A 131 5.99 10.26 13.38
N PHE A 132 5.61 11.07 14.37
CA PHE A 132 4.82 10.63 15.51
C PHE A 132 3.32 10.64 15.21
N THR A 133 2.84 11.57 14.40
CA THR A 133 1.40 11.73 14.23
C THR A 133 0.84 11.17 12.92
N TYR A 134 1.68 10.65 12.02
CA TYR A 134 1.12 10.24 10.73
C TYR A 134 0.06 9.14 10.88
N PRO A 135 0.09 8.25 11.90
CA PRO A 135 -1.05 7.32 12.06
C PRO A 135 -2.38 8.05 12.24
N VAL A 136 -2.37 9.27 12.76
CA VAL A 136 -3.61 10.02 12.91
C VAL A 136 -4.05 10.61 11.58
N LEU A 137 -3.09 11.05 10.76
CA LEU A 137 -3.45 11.47 9.41
C LEU A 137 -3.90 10.28 8.56
N GLN A 138 -3.32 9.11 8.78
CA GLN A 138 -3.84 7.92 8.08
C GLN A 138 -5.28 7.63 8.48
N ALA A 139 -5.62 7.80 9.75
CA ALA A 139 -7.02 7.60 10.16
C ALA A 139 -7.95 8.58 9.44
N ALA A 140 -7.52 9.84 9.32
CA ALA A 140 -8.34 10.83 8.64
C ALA A 140 -8.47 10.55 7.15
N ASP A 141 -7.39 10.07 6.51
CA ASP A 141 -7.47 9.64 5.12
C ASP A 141 -8.65 8.69 4.90
N VAL A 142 -8.81 7.70 5.79
CA VAL A 142 -9.87 6.71 5.63
C VAL A 142 -11.23 7.28 6.03
N LEU A 143 -11.31 7.93 7.20
CA LEU A 143 -12.60 8.30 7.76
C LEU A 143 -13.27 9.45 7.01
N ALA A 144 -12.50 10.24 6.27
CA ALA A 144 -13.08 11.34 5.52
C ALA A 144 -14.02 10.90 4.40
N TYR A 145 -13.91 9.65 3.94
CA TYR A 145 -14.70 9.18 2.81
C TYR A 145 -15.82 8.22 3.22
N ASP A 146 -16.20 8.20 4.48
CA ASP A 146 -17.19 7.24 5.00
C ASP A 146 -16.84 5.82 4.55
N THR A 147 -15.57 5.47 4.73
CA THR A 147 -15.06 4.23 4.19
C THR A 147 -15.62 3.04 4.96
N GLU A 148 -16.14 2.06 4.23
CA GLU A 148 -16.57 0.82 4.86
C GLU A 148 -15.47 -0.22 4.98
N LEU A 149 -14.50 -0.23 4.07
CA LEU A 149 -13.50 -1.29 4.05
C LEU A 149 -12.18 -0.77 3.50
N VAL A 150 -11.09 -1.21 4.11
CA VAL A 150 -9.75 -0.74 3.77
C VAL A 150 -8.86 -1.90 3.36
N PRO A 151 -8.54 -2.07 2.09
CA PRO A 151 -7.68 -3.19 1.69
C PRO A 151 -6.20 -2.87 1.77
N VAL A 152 -5.52 -3.50 2.74
CA VAL A 152 -4.11 -3.22 3.03
C VAL A 152 -3.38 -4.52 3.30
N GLY A 153 -2.05 -4.44 3.27
CA GLY A 153 -1.23 -5.52 3.77
C GLY A 153 -1.16 -5.53 5.30
N GLU A 154 -0.56 -6.61 5.82
CA GLU A 154 -0.52 -6.84 7.26
C GLU A 154 0.22 -5.74 8.01
N ASP A 155 1.18 -5.06 7.36
CA ASP A 155 1.96 -4.02 8.01
C ASP A 155 1.14 -2.79 8.39
N GLN A 156 -0.09 -2.66 7.88
CA GLN A 156 -0.96 -1.54 8.21
C GLN A 156 -2.00 -1.86 9.26
N ARG A 157 -1.99 -3.07 9.83
CA ARG A 157 -3.08 -3.48 10.70
C ARG A 157 -3.13 -2.65 11.97
N GLN A 158 -1.98 -2.45 12.60
CA GLN A 158 -1.94 -1.70 13.85
C GLN A 158 -2.43 -0.27 13.65
N HIS A 159 -2.04 0.36 12.53
CA HIS A 159 -2.49 1.72 12.24
C HIS A 159 -4.00 1.79 12.12
N LEU A 160 -4.61 0.79 11.50
CA LEU A 160 -6.05 0.89 11.23
C LEU A 160 -6.89 0.51 12.45
N GLU A 161 -6.36 -0.30 13.37
CA GLU A 161 -6.99 -0.43 14.69
C GLU A 161 -7.03 0.91 15.41
N LEU A 162 -5.99 1.73 15.24
CA LEU A 162 -6.04 3.06 15.83
C LEU A 162 -7.16 3.88 15.21
N ALA A 163 -7.29 3.85 13.87
CA ALA A 163 -8.35 4.58 13.19
C ALA A 163 -9.73 4.16 13.69
N ARG A 164 -9.95 2.84 13.84
CA ARG A 164 -11.24 2.35 14.28
C ARG A 164 -11.53 2.80 15.71
N ASP A 165 -10.54 2.69 16.60
CA ASP A 165 -10.73 3.13 17.98
C ASP A 165 -11.03 4.62 18.09
N VAL A 166 -10.29 5.46 17.37
CA VAL A 166 -10.58 6.90 17.45
C VAL A 166 -11.96 7.21 16.86
N ALA A 167 -12.39 6.47 15.84
CA ALA A 167 -13.72 6.73 15.29
C ALA A 167 -14.81 6.36 16.29
N GLN A 168 -14.64 5.24 17.00
CA GLN A 168 -15.63 4.84 18.00
C GLN A 168 -15.62 5.80 19.19
N ARG A 169 -14.44 6.26 19.59
CA ARG A 169 -14.37 7.26 20.66
C ARG A 169 -15.06 8.55 20.24
N PHE A 170 -14.85 8.97 19.00
CA PHE A 170 -15.53 10.17 18.52
C PHE A 170 -17.05 9.97 18.46
N ASN A 171 -17.49 8.82 17.91
CA ASN A 171 -18.93 8.54 17.83
C ASN A 171 -19.55 8.39 19.21
N SER A 172 -18.75 7.99 20.20
CA SER A 172 -19.27 7.94 21.56
C SER A 172 -19.76 9.32 22.02
N ARG A 173 -19.00 10.38 21.71
CA ARG A 173 -19.45 11.74 22.02
C ARG A 173 -20.55 12.20 21.06
N PHE A 174 -20.44 11.83 19.78
CA PHE A 174 -21.30 12.34 18.73
C PHE A 174 -21.78 11.17 17.88
N PRO A 175 -22.83 10.47 18.33
CA PRO A 175 -23.24 9.23 17.66
C PRO A 175 -23.53 9.39 16.18
N GLY A 176 -23.06 8.40 15.40
CA GLY A 176 -23.41 8.29 14.01
C GLY A 176 -22.75 9.28 13.09
N THR A 177 -21.62 9.88 13.51
CA THR A 177 -20.95 10.86 12.66
C THR A 177 -20.01 10.21 11.66
N LEU A 178 -19.19 9.25 12.13
CA LEU A 178 -18.11 8.64 11.36
C LEU A 178 -18.44 7.17 11.09
N VAL A 179 -18.05 6.67 9.92
CA VAL A 179 -18.17 5.24 9.60
C VAL A 179 -16.96 4.53 10.21
N VAL A 180 -17.20 3.48 10.99
CA VAL A 180 -16.08 2.69 11.49
C VAL A 180 -15.72 1.67 10.42
N PRO A 181 -14.52 1.70 9.87
CA PRO A 181 -14.18 0.83 8.74
C PRO A 181 -13.68 -0.53 9.15
N ASP A 182 -14.01 -1.52 8.31
CA ASP A 182 -13.45 -2.86 8.47
C ASP A 182 -12.14 -2.96 7.69
N VAL A 183 -11.19 -3.67 8.30
CA VAL A 183 -9.88 -3.93 7.70
C VAL A 183 -9.95 -5.21 6.87
N LEU A 184 -9.37 -5.18 5.67
CA LEU A 184 -9.44 -6.29 4.72
C LEU A 184 -7.99 -6.61 4.34
N ILE A 185 -7.39 -7.59 4.99
CA ILE A 185 -6.01 -7.98 4.74
C ILE A 185 -6.00 -9.37 4.11
N PRO A 186 -5.32 -9.57 2.99
CA PRO A 186 -5.28 -10.90 2.37
C PRO A 186 -4.53 -11.94 3.21
N LYS A 187 -4.46 -13.18 2.74
CA LYS A 187 -3.73 -14.25 3.45
C LYS A 187 -2.44 -14.65 2.74
N MET A 188 -2.55 -15.13 1.52
CA MET A 188 -1.38 -15.50 0.74
C MET A 188 -0.42 -14.30 0.56
N THR A 189 -0.95 -13.23 -0.05
CA THR A 189 -0.12 -12.08 -0.40
C THR A 189 0.02 -11.07 0.72
N ALA A 190 -0.35 -11.44 1.96
CA ALA A 190 -0.32 -10.50 3.07
C ALA A 190 1.08 -9.89 3.29
N LYS A 191 2.13 -10.59 2.87
CA LYS A 191 3.49 -10.09 3.08
C LYS A 191 4.38 -10.81 2.08
N ILE A 192 4.84 -10.08 1.07
CA ILE A 192 5.86 -10.56 0.14
C ILE A 192 7.21 -10.22 0.76
N TYR A 193 8.06 -11.23 0.95
CA TYR A 193 9.29 -11.07 1.69
C TYR A 193 10.46 -10.77 0.77
N ASP A 194 11.52 -10.24 1.37
CA ASP A 194 12.75 -10.00 0.65
C ASP A 194 13.34 -11.31 0.13
N LEU A 195 14.00 -11.24 -1.04
CA LEU A 195 14.56 -12.43 -1.67
C LEU A 195 15.93 -12.81 -1.14
N GLN A 196 16.69 -11.85 -0.59
CA GLN A 196 17.95 -12.16 0.06
C GLN A 196 17.81 -12.32 1.56
N ASP A 197 16.60 -12.16 2.09
CA ASP A 197 16.35 -12.25 3.53
C ASP A 197 14.91 -12.69 3.71
N PRO A 198 14.65 -14.00 3.77
CA PRO A 198 13.28 -14.51 3.62
C PRO A 198 12.34 -14.23 4.79
N THR A 199 12.84 -13.73 5.91
CA THR A 199 12.00 -13.43 7.07
C THR A 199 12.07 -11.95 7.40
N SER A 200 12.05 -11.14 6.36
CA SER A 200 11.98 -9.69 6.50
C SER A 200 11.21 -9.13 5.31
N LYS A 201 10.49 -8.05 5.54
CA LYS A 201 9.45 -7.57 4.64
C LYS A 201 10.05 -6.73 3.51
N MET A 202 9.67 -7.03 2.28
CA MET A 202 10.15 -6.32 1.11
C MET A 202 9.75 -4.85 1.21
N SER A 203 10.66 -3.98 1.64
CA SER A 203 10.43 -2.54 1.69
C SER A 203 11.38 -1.80 0.77
N LYS A 204 10.92 -0.62 0.33
CA LYS A 204 11.75 0.25 -0.49
C LYS A 204 13.04 0.64 0.21
N SER A 205 13.03 0.69 1.55
CA SER A 205 14.23 1.00 2.33
C SER A 205 14.83 -0.29 2.88
N ALA A 206 15.46 -1.05 1.98
CA ALA A 206 16.03 -2.35 2.30
C ALA A 206 17.56 -2.36 2.27
N GLY A 207 18.19 -1.22 2.03
CA GLY A 207 19.63 -1.18 1.84
C GLY A 207 20.02 -1.68 0.46
N THR A 208 20.30 -2.98 0.37
CA THR A 208 20.61 -3.62 -0.91
C THR A 208 19.31 -4.08 -1.55
N ASP A 209 19.05 -3.63 -2.79
CA ASP A 209 17.87 -4.04 -3.55
C ASP A 209 18.06 -5.39 -4.24
N ALA A 210 19.01 -6.22 -3.81
CA ALA A 210 19.20 -7.53 -4.44
C ALA A 210 18.14 -8.53 -4.03
N GLY A 211 17.39 -8.26 -2.96
CA GLY A 211 16.21 -9.02 -2.60
C GLY A 211 14.92 -8.29 -2.89
N LEU A 212 14.99 -7.15 -3.57
CA LEU A 212 13.84 -6.29 -3.79
C LEU A 212 13.48 -6.41 -5.27
N ILE A 213 12.20 -6.59 -5.58
CA ILE A 213 11.78 -6.77 -6.97
C ILE A 213 10.88 -5.60 -7.34
N ASN A 214 11.44 -4.64 -8.08
CA ASN A 214 10.72 -3.44 -8.49
C ASN A 214 9.99 -3.67 -9.81
N LEU A 215 8.74 -3.22 -9.86
CA LEU A 215 7.94 -3.36 -11.07
C LEU A 215 8.63 -2.76 -12.30
N LEU A 216 9.16 -1.54 -12.17
CA LEU A 216 9.69 -0.82 -13.33
C LEU A 216 11.18 -1.06 -13.55
N ASP A 217 11.84 -1.85 -12.72
CA ASP A 217 13.21 -2.27 -12.99
C ASP A 217 13.31 -3.01 -14.32
N ASP A 218 14.53 -3.10 -14.83
CA ASP A 218 14.82 -3.87 -16.03
C ASP A 218 14.44 -5.33 -15.82
N PRO A 219 13.52 -5.90 -16.61
CA PRO A 219 13.01 -7.25 -16.30
C PRO A 219 14.08 -8.31 -16.19
N ALA A 220 15.18 -8.21 -16.94
CA ALA A 220 16.26 -9.19 -16.81
C ALA A 220 16.98 -9.07 -15.48
N LEU A 221 17.05 -7.85 -14.91
CA LEU A 221 17.67 -7.70 -13.60
C LEU A 221 16.79 -8.30 -12.50
N SER A 222 15.48 -8.07 -12.59
CA SER A 222 14.57 -8.68 -11.61
C SER A 222 14.61 -10.20 -11.74
N ALA A 223 14.64 -10.71 -12.97
CA ALA A 223 14.83 -12.15 -13.14
C ALA A 223 16.19 -12.63 -12.62
N LYS A 224 17.22 -11.79 -12.71
CA LYS A 224 18.48 -12.22 -12.11
C LYS A 224 18.41 -12.33 -10.59
N LYS A 225 17.64 -11.45 -9.94
CA LYS A 225 17.49 -11.47 -8.49
C LYS A 225 16.66 -12.68 -8.03
N ILE A 226 15.63 -13.03 -8.80
CA ILE A 226 14.83 -14.22 -8.47
C ILE A 226 15.70 -15.46 -8.49
N ARG A 227 16.61 -15.56 -9.46
CA ARG A 227 17.52 -16.71 -9.51
C ARG A 227 18.43 -16.78 -8.28
N SER A 228 18.79 -15.62 -7.72
CA SER A 228 19.69 -15.54 -6.56
C SER A 228 18.94 -15.64 -5.24
N ALA A 229 17.66 -16.02 -5.26
CA ALA A 229 16.87 -16.06 -4.05
C ALA A 229 17.40 -17.11 -3.07
N VAL A 230 17.47 -16.72 -1.80
CA VAL A 230 17.84 -17.66 -0.74
C VAL A 230 16.73 -18.68 -0.58
N THR A 231 17.08 -19.96 -0.69
CA THR A 231 16.17 -21.06 -0.44
C THR A 231 16.62 -21.79 0.83
N ASP A 232 16.49 -23.12 0.83
CA ASP A 232 16.94 -23.94 1.94
C ASP A 232 17.93 -24.96 1.40
N SER A 233 17.90 -26.19 1.94
CA SER A 233 18.74 -27.27 1.46
C SER A 233 18.03 -28.62 1.52
N GLU A 234 16.70 -28.62 1.35
CA GLU A 234 15.90 -29.84 1.45
C GLU A 234 15.44 -30.38 0.11
N ARG A 235 15.67 -29.63 -0.97
CA ARG A 235 15.29 -30.06 -2.32
C ARG A 235 13.82 -30.44 -2.49
N ASP A 236 13.02 -30.14 -1.48
CA ASP A 236 11.59 -30.43 -1.48
C ASP A 236 10.80 -29.14 -1.68
N ILE A 237 9.95 -29.10 -2.69
CA ILE A 237 9.15 -27.93 -3.00
C ILE A 237 7.78 -28.11 -2.37
N ARG A 238 7.50 -27.30 -1.34
CA ARG A 238 6.21 -27.34 -0.66
C ARG A 238 6.01 -26.00 0.03
N TYR A 239 4.82 -25.80 0.58
CA TYR A 239 4.43 -24.53 1.18
C TYR A 239 4.41 -24.66 2.70
N ASP A 240 5.45 -24.14 3.34
CA ASP A 240 5.50 -24.05 4.81
C ASP A 240 6.29 -22.82 5.17
N PRO A 241 5.65 -21.65 5.29
CA PRO A 241 6.39 -20.40 5.48
C PRO A 241 7.19 -20.33 6.77
N ASP A 242 6.73 -20.96 7.86
CA ASP A 242 7.50 -20.94 9.10
C ASP A 242 8.81 -21.70 8.95
N VAL A 243 8.77 -22.85 8.28
CA VAL A 243 9.97 -23.66 8.07
C VAL A 243 10.68 -23.24 6.79
N LYS A 244 9.90 -23.01 5.71
CA LYS A 244 10.51 -22.78 4.41
C LYS A 244 10.25 -21.37 3.92
N PRO A 245 10.96 -20.37 4.47
CA PRO A 245 10.60 -18.98 4.19
C PRO A 245 10.86 -18.62 2.74
N GLY A 246 12.06 -18.99 2.23
CA GLY A 246 12.39 -18.66 0.82
C GLY A 246 11.45 -19.31 -0.16
N VAL A 247 11.34 -20.63 -0.07
CA VAL A 247 10.59 -21.38 -1.08
C VAL A 247 9.12 -20.96 -1.08
N SER A 248 8.53 -20.78 0.09
CA SER A 248 7.13 -20.37 0.16
C SER A 248 6.94 -18.97 -0.43
N ASN A 249 7.93 -18.09 -0.26
CA ASN A 249 7.87 -16.77 -0.90
C ASN A 249 7.76 -16.92 -2.42
N LEU A 250 8.67 -17.69 -3.01
CA LEU A 250 8.71 -17.80 -4.48
C LEU A 250 7.41 -18.37 -5.03
N LEU A 251 6.87 -19.42 -4.38
CA LEU A 251 5.60 -20.00 -4.82
C LEU A 251 4.45 -19.02 -4.62
N ASN A 252 4.49 -18.26 -3.53
CA ASN A 252 3.51 -17.20 -3.30
C ASN A 252 3.57 -16.16 -4.41
N ILE A 253 4.78 -15.80 -4.84
CA ILE A 253 4.91 -14.83 -5.93
C ILE A 253 4.38 -15.43 -7.22
N GLN A 254 4.81 -16.65 -7.56
CA GLN A 254 4.39 -17.26 -8.82
C GLN A 254 2.88 -17.46 -8.85
N SER A 255 2.30 -17.90 -7.73
CA SER A 255 0.85 -18.03 -7.65
C SER A 255 0.16 -16.69 -7.89
N ALA A 256 0.71 -15.60 -7.35
CA ALA A 256 0.06 -14.30 -7.47
C ALA A 256 0.15 -13.72 -8.88
N VAL A 257 1.32 -13.87 -9.54
CA VAL A 257 1.48 -13.30 -10.87
C VAL A 257 0.84 -14.13 -11.98
N THR A 258 0.40 -15.36 -11.69
CA THR A 258 -0.19 -16.25 -12.69
C THR A 258 -1.70 -16.42 -12.52
N GLY A 259 -2.15 -16.75 -11.32
CA GLY A 259 -3.51 -17.18 -11.07
C GLY A 259 -3.64 -18.61 -10.59
N THR A 260 -2.55 -19.39 -10.61
CA THR A 260 -2.60 -20.80 -10.22
C THR A 260 -2.46 -20.93 -8.71
N ASP A 261 -3.37 -21.68 -8.10
CA ASP A 261 -3.32 -21.91 -6.65
C ASP A 261 -2.01 -22.57 -6.26
N ILE A 262 -1.58 -22.30 -5.02
CA ILE A 262 -0.31 -22.83 -4.53
C ILE A 262 -0.33 -24.35 -4.50
N ASP A 263 -1.42 -24.95 -3.99
CA ASP A 263 -1.48 -26.40 -3.87
C ASP A 263 -1.37 -27.07 -5.23
N VAL A 264 -2.02 -26.51 -6.25
CA VAL A 264 -1.86 -27.03 -7.61
C VAL A 264 -0.42 -26.89 -8.08
N LEU A 265 0.22 -25.74 -7.76
CA LEU A 265 1.61 -25.56 -8.14
C LEU A 265 2.52 -26.59 -7.46
N VAL A 266 2.26 -26.88 -6.18
CA VAL A 266 3.15 -27.74 -5.41
C VAL A 266 3.16 -29.16 -5.98
N ASP A 267 1.98 -29.72 -6.25
CA ASP A 267 1.91 -31.09 -6.78
C ASP A 267 2.46 -31.17 -8.20
N GLY A 268 2.39 -30.07 -8.95
CA GLY A 268 3.09 -30.00 -10.22
C GLY A 268 4.60 -29.95 -10.06
N TYR A 269 5.07 -29.41 -8.93
CA TYR A 269 6.50 -29.34 -8.62
C TYR A 269 7.02 -30.59 -7.93
N ALA A 270 6.18 -31.60 -7.75
CA ALA A 270 6.64 -32.89 -7.23
C ALA A 270 7.72 -33.46 -8.14
N GLY A 271 8.89 -33.75 -7.56
CA GLY A 271 10.04 -34.17 -8.33
C GLY A 271 10.94 -33.04 -8.82
N HIS A 272 10.42 -31.81 -8.89
CA HIS A 272 11.20 -30.68 -9.37
C HIS A 272 12.10 -30.12 -8.26
N GLY A 273 13.16 -29.42 -8.68
CA GLY A 273 14.10 -28.80 -7.79
C GLY A 273 13.89 -27.30 -7.70
N TYR A 274 14.62 -26.68 -6.75
CA TYR A 274 14.49 -25.25 -6.53
C TYR A 274 14.94 -24.45 -7.75
N GLY A 275 15.91 -24.95 -8.50
CA GLY A 275 16.34 -24.25 -9.69
C GLY A 275 15.21 -24.01 -10.67
N ASP A 276 14.40 -25.03 -10.93
CA ASP A 276 13.27 -24.88 -11.85
C ASP A 276 12.16 -24.04 -11.23
N LEU A 277 12.02 -24.04 -9.91
CA LEU A 277 11.07 -23.13 -9.28
C LEU A 277 11.49 -21.67 -9.47
N LYS A 278 12.79 -21.38 -9.48
CA LYS A 278 13.28 -20.02 -9.64
C LYS A 278 13.09 -19.52 -11.07
N LYS A 279 13.58 -20.28 -12.06
CA LYS A 279 13.40 -19.90 -13.45
C LYS A 279 11.92 -19.71 -13.79
N ASP A 280 11.07 -20.62 -13.31
CA ASP A 280 9.64 -20.52 -13.58
C ASP A 280 9.05 -19.24 -13.00
N THR A 281 9.41 -18.92 -11.74
CA THR A 281 8.99 -17.65 -11.15
C THR A 281 9.55 -16.47 -11.93
N ALA A 282 10.85 -16.52 -12.28
CA ALA A 282 11.47 -15.43 -13.02
C ALA A 282 10.77 -15.16 -14.35
N GLU A 283 10.35 -16.20 -15.06
CA GLU A 283 9.65 -15.99 -16.32
C GLU A 283 8.25 -15.43 -16.10
N ALA A 284 7.55 -15.90 -15.07
CA ALA A 284 6.21 -15.36 -14.80
C ALA A 284 6.28 -13.89 -14.41
N VAL A 285 7.31 -13.51 -13.65
CA VAL A 285 7.46 -12.11 -13.24
C VAL A 285 7.81 -11.25 -14.45
N VAL A 286 8.79 -11.68 -15.24
CA VAL A 286 9.15 -10.97 -16.46
C VAL A 286 7.93 -10.80 -17.35
N GLU A 287 7.12 -11.85 -17.48
CA GLU A 287 5.87 -11.69 -18.23
C GLU A 287 4.88 -10.80 -17.50
N PHE A 288 5.00 -10.68 -16.17
CA PHE A 288 4.11 -9.79 -15.44
C PHE A 288 4.54 -8.32 -15.58
N VAL A 289 5.82 -8.02 -15.39
CA VAL A 289 6.25 -6.61 -15.36
C VAL A 289 6.25 -6.00 -16.77
N ASN A 290 6.47 -6.79 -17.81
CA ASN A 290 6.60 -6.20 -19.14
C ASN A 290 5.34 -5.49 -19.61
N PRO A 291 4.13 -6.00 -19.41
CA PRO A 291 2.94 -5.20 -19.76
C PRO A 291 2.81 -3.95 -18.91
N ILE A 292 3.33 -3.94 -17.69
CA ILE A 292 3.22 -2.76 -16.83
C ILE A 292 4.16 -1.66 -17.32
N GLN A 293 5.42 -2.01 -17.55
CA GLN A 293 6.40 -1.04 -18.00
C GLN A 293 5.96 -0.34 -19.28
N ALA A 294 5.34 -1.07 -20.21
CA ALA A 294 4.89 -0.47 -21.45
C ALA A 294 3.77 0.53 -21.22
N ARG A 295 2.87 0.22 -20.26
CA ARG A 295 1.80 1.16 -19.94
C ARG A 295 2.33 2.39 -19.22
N VAL A 296 3.22 2.18 -18.25
CA VAL A 296 3.80 3.32 -17.54
C VAL A 296 4.55 4.22 -18.50
N ASP A 297 5.33 3.62 -19.40
CA ASP A 297 6.12 4.41 -20.35
C ASP A 297 5.21 5.30 -21.21
N GLU A 298 4.06 4.79 -21.65
CA GLU A 298 3.14 5.66 -22.38
C GLU A 298 2.53 6.73 -21.47
N LEU A 299 2.19 6.37 -20.24
CA LEU A 299 1.59 7.34 -19.32
C LEU A 299 2.59 8.43 -18.94
N THR A 300 3.86 8.06 -18.76
CA THR A 300 4.89 9.06 -18.48
C THR A 300 5.12 9.96 -19.69
N ALA A 301 5.24 9.36 -20.88
CA ALA A 301 5.59 10.13 -22.06
C ALA A 301 4.46 11.06 -22.48
N ASP A 302 3.21 10.66 -22.27
CA ASP A 302 2.04 11.45 -22.66
C ASP A 302 1.17 11.67 -21.44
N PRO A 303 1.31 12.84 -20.74
CA PRO A 303 0.74 12.99 -19.41
C PRO A 303 -0.60 13.72 -19.33
N ALA A 304 -1.19 14.15 -20.45
CA ALA A 304 -2.50 14.78 -20.37
C ALA A 304 -3.56 13.80 -19.88
N GLU A 305 -3.42 12.52 -20.21
CA GLU A 305 -4.38 11.52 -19.77
C GLU A 305 -4.35 11.37 -18.24
N LEU A 306 -3.18 11.04 -17.70
CA LEU A 306 -2.98 10.90 -16.26
C LEU A 306 -3.42 12.17 -15.51
N GLU A 307 -3.20 13.37 -16.10
CA GLU A 307 -3.31 14.63 -15.37
C GLU A 307 -4.78 14.69 -15.05
N ALA A 308 -5.56 14.46 -16.15
CA ALA A 308 -7.01 14.60 -16.20
C ALA A 308 -7.71 13.60 -15.28
N VAL A 309 -7.19 12.37 -15.22
CA VAL A 309 -7.70 11.41 -14.25
C VAL A 309 -7.54 11.96 -12.84
N LEU A 310 -6.35 12.49 -12.52
CA LEU A 310 -6.11 13.04 -11.19
C LEU A 310 -6.93 14.28 -10.94
N ALA A 311 -7.24 15.04 -11.99
CA ALA A 311 -8.02 16.26 -11.77
C ALA A 311 -9.50 15.92 -11.54
N ALA A 312 -10.06 14.99 -12.30
CA ALA A 312 -11.39 14.50 -11.95
C ALA A 312 -11.40 13.83 -10.57
N GLY A 313 -10.35 13.08 -10.25
CA GLY A 313 -10.31 12.38 -8.98
C GLY A 313 -10.29 13.30 -7.77
N ALA A 314 -9.49 14.38 -7.83
CA ALA A 314 -9.45 15.30 -6.70
C ALA A 314 -10.75 16.08 -6.57
N GLN A 315 -11.39 16.40 -7.69
CA GLN A 315 -12.70 17.06 -7.67
C GLN A 315 -13.71 16.20 -6.93
N ARG A 316 -13.76 14.91 -7.29
CA ARG A 316 -14.71 14.00 -6.66
C ARG A 316 -14.36 13.77 -5.20
N ALA A 317 -13.07 13.60 -4.91
CA ALA A 317 -12.66 13.38 -3.52
C ALA A 317 -12.97 14.59 -2.65
N HIS A 318 -12.79 15.80 -3.19
CA HIS A 318 -13.10 16.98 -2.39
C HIS A 318 -14.59 17.09 -2.10
N ASP A 319 -15.45 16.76 -3.07
CA ASP A 319 -16.89 16.86 -2.83
C ASP A 319 -17.33 15.93 -1.71
N VAL A 320 -16.77 14.72 -1.66
CA VAL A 320 -17.09 13.77 -0.58
C VAL A 320 -16.45 14.22 0.74
N ALA A 321 -15.13 14.38 0.74
CA ALA A 321 -14.40 14.56 2.00
C ALA A 321 -14.78 15.86 2.70
N SER A 322 -15.07 16.93 1.95
CA SER A 322 -15.44 18.19 2.59
C SER A 322 -16.80 18.12 3.27
N LYS A 323 -17.72 17.29 2.76
CA LYS A 323 -19.00 17.08 3.44
C LYS A 323 -18.79 16.40 4.79
N THR A 324 -17.90 15.41 4.84
CA THR A 324 -17.57 14.76 6.11
C THR A 324 -17.02 15.77 7.12
N VAL A 325 -16.07 16.60 6.69
CA VAL A 325 -15.49 17.59 7.60
C VAL A 325 -16.59 18.52 8.12
N GLN A 326 -17.44 19.01 7.22
CA GLN A 326 -18.50 19.91 7.64
C GLN A 326 -19.45 19.22 8.62
N ARG A 327 -19.68 17.91 8.45
CA ARG A 327 -20.48 17.14 9.42
C ARG A 327 -19.77 17.07 10.77
N VAL A 328 -18.48 16.74 10.77
CA VAL A 328 -17.71 16.68 12.02
C VAL A 328 -17.68 18.04 12.71
N TYR A 329 -17.44 19.11 11.93
CA TYR A 329 -17.37 20.45 12.48
C TYR A 329 -18.69 20.88 13.11
N ASP A 330 -19.80 20.56 12.45
CA ASP A 330 -21.10 20.89 13.02
C ASP A 330 -21.35 20.15 14.35
N ARG A 331 -21.02 18.87 14.41
CA ARG A 331 -21.16 18.14 15.67
C ARG A 331 -20.29 18.73 16.77
N LEU A 332 -19.06 19.12 16.43
CA LEU A 332 -18.17 19.70 17.43
C LEU A 332 -18.70 21.02 17.98
N GLY A 333 -19.53 21.72 17.22
CA GLY A 333 -20.00 23.02 17.62
C GLY A 333 -19.29 24.21 17.01
N PHE A 334 -18.45 24.00 15.99
CA PHE A 334 -17.79 25.13 15.32
C PHE A 334 -18.83 25.98 14.60
N LEU A 335 -18.60 27.28 14.59
CA LEU A 335 -19.40 28.18 13.78
C LEU A 335 -19.13 27.88 12.30
N LEU A 336 -20.17 27.59 11.54
CA LEU A 336 -19.97 27.19 10.14
C LEU A 336 -19.97 28.36 9.15
#